data_7VTX
#
_entry.id   7VTX
#
_cell.length_a   75.936
_cell.length_b   132.005
_cell.length_c   101.592
_cell.angle_alpha   90.000
_cell.angle_beta   90.000
_cell.angle_gamma   90.000
#
_symmetry.space_group_name_H-M   'C 2 2 21'
#
loop_
_entity.id
_entity.type
_entity.pdbx_description
1 polymer "High affinity cAMP-specific and IBMX-insensitive 3',5'-cyclic phosphodiesterase 8A"
2 non-polymer 'ZINC ION'
3 non-polymer 'MAGNESIUM ION'
4 non-polymer 2-chloro-9-(3-(2,2-difluoroethoxy)-5-(pyridin-4-yl)benzyl)-9H-purin-6-amine
5 water water
#
_entity_poly.entity_id   1
_entity_poly.type   'polypeptide(L)'
_entity_poly.pdbx_seq_one_letter_code
;DDVPPRIARAMENEEYWDFDIFELEAATHNRPLIYLGLKMFARFGICEFLHCSESTLRSWLQIIEANYHSSNPYHNSTHS
ADVLHATAYFLSKERIKETLDPIDEVAALIAATIHDVDHPGRTNSFLCNAGSELAILYNDTAVLESHHAALAFQLTTGDD
KCNIFKNMERNDYRTLRQGIIDMVLATEMTKHFEHVNKFVNSINKPLATLEENGETDKNQEVINTMLRTPENRTLIKRML
IKCADVSNPCRPLQYCIEWAARISEEYFSQTDEEKQQGLPVVMPVFDRNTCSIPKSQISFIDYFITDMFDAWDAFVDLPD
LMQHLDNNFKYWKGLDEM
;
_entity_poly.pdbx_strand_id   A
#
# COMPACT_ATOMS: atom_id res chain seq x y z
N ASP A 1 4.42 -18.35 16.58
CA ASP A 1 4.58 -18.33 18.06
C ASP A 1 6.04 -18.50 18.46
N ASP A 2 6.63 -19.62 18.06
CA ASP A 2 8.05 -19.90 18.30
C ASP A 2 8.87 -19.29 17.17
N VAL A 3 9.16 -18.00 17.32
CA VAL A 3 9.88 -17.21 16.31
C VAL A 3 11.37 -17.16 16.69
N PRO A 4 12.28 -17.14 15.69
CA PRO A 4 13.70 -16.89 15.99
C PRO A 4 13.99 -15.49 16.56
N PRO A 5 15.17 -15.31 17.21
CA PRO A 5 15.42 -14.14 18.05
C PRO A 5 15.65 -12.80 17.33
N ARG A 6 16.45 -12.80 16.26
CA ARG A 6 16.73 -11.58 15.50
C ARG A 6 15.46 -11.04 14.83
N ILE A 7 14.68 -11.94 14.23
CA ILE A 7 13.41 -11.57 13.61
C ILE A 7 12.40 -11.09 14.66
N ALA A 8 12.39 -11.73 15.82
CA ALA A 8 11.56 -11.28 16.96
C ALA A 8 11.93 -9.88 17.42
N ARG A 9 13.22 -9.59 17.49
CA ARG A 9 13.72 -8.24 17.82
C ARG A 9 13.46 -7.24 16.69
N ALA A 10 13.55 -7.71 15.44
CA ALA A 10 13.22 -6.89 14.27
C ALA A 10 11.75 -6.44 14.25
N MET A 11 10.86 -7.27 14.78
CA MET A 11 9.43 -6.94 14.87
C MET A 11 9.00 -6.40 16.24
N GLU A 12 9.92 -5.82 17.01
CA GLU A 12 9.60 -5.40 18.38
C GLU A 12 8.62 -4.21 18.42
N ASN A 13 8.97 -3.13 17.72
CA ASN A 13 8.23 -1.87 17.77
C ASN A 13 7.41 -1.60 16.49
N GLU A 14 6.67 -2.61 16.02
CA GLU A 14 5.91 -2.49 14.74
C GLU A 14 4.69 -1.55 14.79
N GLU A 15 4.20 -1.21 15.98
CA GLU A 15 3.16 -0.18 16.10
C GLU A 15 3.68 1.24 15.82
N TYR A 16 4.99 1.45 15.97
CA TYR A 16 5.61 2.77 15.75
C TYR A 16 5.89 3.02 14.27
N TRP A 17 5.80 4.29 13.87
CA TRP A 17 6.08 4.69 12.49
C TRP A 17 7.53 4.41 12.10
N ASP A 18 8.46 4.78 12.98
CA ASP A 18 9.88 4.47 12.81
C ASP A 18 10.07 2.98 13.07
N PHE A 19 10.24 2.23 11.99
CA PHE A 19 10.37 0.77 12.02
C PHE A 19 11.40 0.33 10.98
N ASP A 20 12.28 -0.58 11.38
CA ASP A 20 13.40 -0.99 10.51
C ASP A 20 12.96 -2.14 9.61
N ILE A 21 12.32 -1.79 8.50
CA ILE A 21 11.77 -2.75 7.54
C ILE A 21 12.85 -3.52 6.76
N PHE A 22 14.04 -2.93 6.63
CA PHE A 22 15.15 -3.55 5.92
C PHE A 22 15.95 -4.53 6.81
N GLU A 23 16.00 -4.24 8.11
CA GLU A 23 16.51 -5.18 9.10
C GLU A 23 15.64 -6.44 9.17
N LEU A 24 14.32 -6.25 9.11
CA LEU A 24 13.39 -7.40 9.03
C LEU A 24 13.64 -8.20 7.76
N GLU A 25 13.74 -7.49 6.61
CA GLU A 25 14.09 -8.09 5.31
C GLU A 25 15.39 -8.89 5.34
N ALA A 26 16.43 -8.31 5.92
CA ALA A 26 17.74 -8.96 6.06
C ALA A 26 17.67 -10.16 7.01
N ALA A 27 17.03 -9.96 8.16
CA ALA A 27 16.89 -11.00 9.18
C ALA A 27 16.01 -12.18 8.74
N THR A 28 14.94 -11.90 8.01
CA THR A 28 14.04 -12.93 7.47
C THR A 28 14.53 -13.59 6.18
N HIS A 29 15.56 -13.03 5.55
CA HIS A 29 16.16 -13.55 4.31
C HIS A 29 15.18 -13.45 3.15
N ASN A 30 14.77 -12.21 2.88
CA ASN A 30 13.77 -11.90 1.85
C ASN A 30 12.44 -12.62 2.09
N ARG A 31 12.04 -12.70 3.35
CA ARG A 31 10.72 -13.22 3.75
C ARG A 31 10.09 -12.34 4.85
N PRO A 32 10.09 -11.01 4.68
CA PRO A 32 9.53 -10.14 5.73
C PRO A 32 8.00 -10.21 5.91
N LEU A 33 7.28 -10.56 4.84
CA LEU A 33 5.82 -10.48 4.83
C LEU A 33 5.14 -11.55 5.68
N ILE A 34 5.66 -12.78 5.64
CA ILE A 34 5.09 -13.89 6.44
C ILE A 34 5.22 -13.62 7.94
N TYR A 35 6.39 -13.14 8.36
CA TYR A 35 6.63 -12.84 9.77
C TYR A 35 5.82 -11.63 10.24
N LEU A 36 5.87 -10.53 9.49
CA LEU A 36 5.12 -9.32 9.82
C LEU A 36 3.60 -9.51 9.68
N GLY A 37 3.19 -10.31 8.68
CA GLY A 37 1.78 -10.66 8.49
C GLY A 37 1.22 -11.42 9.68
N LEU A 38 1.95 -12.44 10.13
CA LEU A 38 1.53 -13.26 11.28
C LEU A 38 1.31 -12.40 12.53
N LYS A 39 2.22 -11.47 12.79
CA LYS A 39 2.09 -10.56 13.93
C LYS A 39 0.91 -9.58 13.78
N MET A 40 0.80 -8.96 12.60
CA MET A 40 -0.27 -7.98 12.34
C MET A 40 -1.66 -8.60 12.33
N PHE A 41 -1.83 -9.71 11.62
CA PHE A 41 -3.12 -10.39 11.52
C PHE A 41 -3.58 -10.92 12.89
N ALA A 42 -2.62 -11.43 13.67
CA ALA A 42 -2.89 -11.90 15.03
C ALA A 42 -3.25 -10.76 15.99
N ARG A 43 -2.51 -9.64 15.87
N ARG A 43 -2.53 -9.64 15.87
CA ARG A 43 -2.76 -8.45 16.69
CA ARG A 43 -2.77 -8.45 16.71
C ARG A 43 -4.13 -7.82 16.41
C ARG A 43 -4.12 -7.78 16.42
N PHE A 44 -4.49 -7.73 15.13
CA PHE A 44 -5.82 -7.25 14.71
C PHE A 44 -6.92 -8.31 14.89
N GLY A 45 -6.53 -9.58 14.97
CA GLY A 45 -7.47 -10.68 15.23
C GLY A 45 -8.21 -11.07 13.98
N ILE A 46 -7.45 -11.30 12.90
CA ILE A 46 -8.04 -11.50 11.58
C ILE A 46 -8.59 -12.92 11.44
N CYS A 47 -7.83 -13.93 11.90
CA CYS A 47 -8.32 -15.32 11.85
C CYS A 47 -9.49 -15.57 12.80
N GLU A 48 -9.55 -14.83 13.89
CA GLU A 48 -10.72 -14.82 14.78
C GLU A 48 -11.99 -14.31 14.07
N PHE A 49 -11.82 -13.32 13.19
CA PHE A 49 -12.90 -12.79 12.34
C PHE A 49 -13.26 -13.73 11.19
N LEU A 50 -12.24 -14.25 10.50
CA LEU A 50 -12.43 -15.09 9.31
C LEU A 50 -12.63 -16.58 9.59
N HIS A 51 -12.39 -17.00 10.84
CA HIS A 51 -12.45 -18.42 11.25
C HIS A 51 -11.44 -19.31 10.50
N CYS A 52 -10.24 -18.78 10.25
CA CYS A 52 -9.11 -19.59 9.78
C CYS A 52 -8.27 -20.02 10.98
N SER A 53 -7.51 -21.10 10.81
CA SER A 53 -6.50 -21.50 11.79
C SER A 53 -5.24 -20.67 11.56
N GLU A 54 -4.31 -20.73 12.51
CA GLU A 54 -3.00 -20.12 12.33
C GLU A 54 -2.23 -20.80 11.19
N SER A 55 -2.45 -22.11 11.01
CA SER A 55 -1.80 -22.90 9.95
C SER A 55 -2.26 -22.52 8.54
N THR A 56 -3.56 -22.26 8.37
CA THR A 56 -4.12 -21.77 7.10
C THR A 56 -3.59 -20.37 6.75
N LEU A 57 -3.37 -19.55 7.77
CA LEU A 57 -2.77 -18.22 7.61
C LEU A 57 -1.29 -18.31 7.21
N ARG A 58 -0.55 -19.21 7.85
CA ARG A 58 0.86 -19.46 7.49
C ARG A 58 0.99 -19.95 6.06
N SER A 59 0.16 -20.92 5.68
CA SER A 59 0.10 -21.41 4.28
C SER A 59 -0.26 -20.30 3.30
N TRP A 60 -1.19 -19.42 3.69
CA TRP A 60 -1.62 -18.32 2.83
C TRP A 60 -0.50 -17.30 2.65
N LEU A 61 0.01 -16.77 3.76
CA LEU A 61 1.11 -15.80 3.73
C LEU A 61 2.32 -16.30 2.92
N GLN A 62 2.63 -17.60 3.01
CA GLN A 62 3.73 -18.20 2.25
C GLN A 62 3.51 -18.18 0.74
N ILE A 63 2.35 -18.63 0.28
CA ILE A 63 2.09 -18.74 -1.18
C ILE A 63 2.05 -17.39 -1.88
N ILE A 64 1.48 -16.37 -1.22
CA ILE A 64 1.47 -15.01 -1.80
C ILE A 64 2.88 -14.39 -1.77
N GLU A 65 3.60 -14.53 -0.65
CA GLU A 65 4.99 -14.04 -0.56
C GLU A 65 5.91 -14.72 -1.57
N ALA A 66 5.72 -16.02 -1.77
CA ALA A 66 6.46 -16.78 -2.78
C ALA A 66 6.30 -16.22 -4.19
N ASN A 67 5.11 -15.72 -4.51
CA ASN A 67 4.82 -15.11 -5.82
C ASN A 67 5.28 -13.64 -5.98
N TYR A 68 5.84 -13.03 -4.92
CA TYR A 68 6.58 -11.77 -5.06
C TYR A 68 7.99 -12.07 -5.59
N HIS A 69 8.40 -11.34 -6.62
CA HIS A 69 9.66 -11.58 -7.32
C HIS A 69 10.83 -10.96 -6.53
N SER A 70 11.71 -11.80 -5.98
CA SER A 70 12.90 -11.31 -5.26
C SER A 70 13.86 -10.49 -6.14
N SER A 71 13.91 -10.81 -7.42
CA SER A 71 14.77 -10.11 -8.40
C SER A 71 14.36 -8.65 -8.66
N ASN A 72 13.11 -8.29 -8.38
CA ASN A 72 12.67 -6.89 -8.41
C ASN A 72 13.34 -6.06 -7.31
N PRO A 73 13.98 -4.92 -7.68
CA PRO A 73 14.59 -4.06 -6.65
C PRO A 73 13.60 -3.49 -5.63
N TYR A 74 12.48 -2.97 -6.10
CA TYR A 74 11.46 -2.32 -5.26
C TYR A 74 10.24 -3.22 -5.05
N HIS A 75 9.60 -3.64 -6.15
CA HIS A 75 8.35 -4.42 -6.07
C HIS A 75 8.60 -5.90 -5.73
N ASN A 76 9.04 -6.12 -4.50
CA ASN A 76 9.28 -7.46 -3.95
C ASN A 76 8.46 -7.54 -2.67
N SER A 77 8.54 -8.66 -1.95
CA SER A 77 7.72 -8.86 -0.75
C SER A 77 7.97 -7.86 0.38
N THR A 78 9.17 -7.25 0.42
CA THR A 78 9.48 -6.20 1.40
C THR A 78 8.66 -4.92 1.21
N HIS A 79 8.37 -4.56 -0.03
CA HIS A 79 7.43 -3.48 -0.31
C HIS A 79 6.05 -3.76 0.27
N SER A 80 5.55 -4.97 0.06
CA SER A 80 4.24 -5.37 0.56
C SER A 80 4.15 -5.32 2.09
N ALA A 81 5.21 -5.78 2.75
CA ALA A 81 5.32 -5.69 4.21
C ALA A 81 5.36 -4.24 4.70
N ASP A 82 6.12 -3.40 3.99
CA ASP A 82 6.19 -1.97 4.24
C ASP A 82 4.80 -1.31 4.09
N VAL A 83 4.12 -1.63 2.99
CA VAL A 83 2.77 -1.12 2.73
C VAL A 83 1.75 -1.67 3.73
N LEU A 84 1.94 -2.93 4.14
CA LEU A 84 1.14 -3.54 5.22
C LEU A 84 1.36 -2.83 6.55
N HIS A 85 2.63 -2.49 6.86
CA HIS A 85 2.97 -1.79 8.10
C HIS A 85 2.31 -0.40 8.20
N ALA A 86 2.36 0.36 7.10
CA ALA A 86 1.70 1.67 7.03
C ALA A 86 0.17 1.58 7.11
N THR A 87 -0.41 0.55 6.49
CA THR A 87 -1.86 0.30 6.55
C THR A 87 -2.32 0.08 8.00
N ALA A 88 -1.65 -0.83 8.70
CA ALA A 88 -1.92 -1.11 10.11
C ALA A 88 -1.84 0.16 10.97
N TYR A 89 -0.81 0.96 10.71
CA TYR A 89 -0.57 2.21 11.43
C TYR A 89 -1.71 3.21 11.21
N PHE A 90 -2.25 3.28 9.99
CA PHE A 90 -3.39 4.16 9.69
C PHE A 90 -4.69 3.65 10.30
N LEU A 91 -4.92 2.33 10.22
CA LEU A 91 -6.04 1.68 10.90
C LEU A 91 -6.01 1.89 12.43
N SER A 92 -4.81 1.92 13.00
CA SER A 92 -4.63 2.15 14.45
C SER A 92 -4.87 3.59 14.92
N LYS A 93 -5.00 4.56 14.01
CA LYS A 93 -5.30 5.95 14.38
C LYS A 93 -6.77 6.12 14.73
N GLU A 94 -7.03 7.04 15.67
CA GLU A 94 -8.36 7.22 16.26
C GLU A 94 -9.43 7.55 15.21
N ARG A 95 -9.09 8.43 14.27
CA ARG A 95 -10.02 8.83 13.20
C ARG A 95 -10.55 7.63 12.42
N ILE A 96 -9.65 6.79 11.95
CA ILE A 96 -10.01 5.60 11.17
C ILE A 96 -10.68 4.56 12.08
N LYS A 97 -10.15 4.40 13.29
CA LYS A 97 -10.74 3.49 14.30
C LYS A 97 -12.24 3.77 14.56
N GLU A 98 -12.61 5.05 14.65
CA GLU A 98 -14.00 5.47 14.88
C GLU A 98 -14.79 5.79 13.60
N THR A 99 -14.28 5.39 12.43
CA THR A 99 -14.98 5.57 11.14
C THR A 99 -15.22 4.24 10.43
N LEU A 100 -14.16 3.45 10.27
CA LEU A 100 -14.26 2.14 9.61
C LEU A 100 -14.77 1.07 10.57
N ASP A 101 -15.28 -0.02 9.99
CA ASP A 101 -15.76 -1.19 10.75
C ASP A 101 -14.77 -2.36 10.63
N PRO A 102 -14.90 -3.39 11.50
CA PRO A 102 -14.02 -4.57 11.46
C PRO A 102 -13.78 -5.21 10.09
N ILE A 103 -14.81 -5.31 9.26
CA ILE A 103 -14.69 -5.90 7.92
C ILE A 103 -13.85 -5.06 6.95
N ASP A 104 -13.78 -3.75 7.20
CA ASP A 104 -12.92 -2.84 6.42
C ASP A 104 -11.45 -3.01 6.79
N GLU A 105 -11.18 -3.15 8.09
CA GLU A 105 -9.82 -3.44 8.58
C GLU A 105 -9.22 -4.70 7.97
N VAL A 106 -10.05 -5.72 7.80
CA VAL A 106 -9.62 -7.00 7.21
C VAL A 106 -9.35 -6.82 5.72
N ALA A 107 -10.23 -6.09 5.03
CA ALA A 107 -10.06 -5.76 3.62
C ALA A 107 -8.78 -4.95 3.38
N ALA A 108 -8.50 -4.00 4.28
CA ALA A 108 -7.30 -3.16 4.18
C ALA A 108 -6.00 -3.95 4.38
N LEU A 109 -5.96 -4.76 5.43
CA LEU A 109 -4.77 -5.56 5.73
C LEU A 109 -4.48 -6.61 4.66
N ILE A 110 -5.53 -7.25 4.13
CA ILE A 110 -5.38 -8.22 3.05
C ILE A 110 -4.96 -7.52 1.75
N ALA A 111 -5.66 -6.44 1.40
CA ALA A 111 -5.36 -5.66 0.20
C ALA A 111 -3.91 -5.18 0.18
N ALA A 112 -3.41 -4.71 1.32
CA ALA A 112 -2.00 -4.32 1.45
C ALA A 112 -1.05 -5.49 1.18
N THR A 113 -1.37 -6.65 1.75
CA THR A 113 -0.56 -7.86 1.59
C THR A 113 -0.46 -8.30 0.11
N ILE A 114 -1.59 -8.32 -0.60
CA ILE A 114 -1.63 -8.83 -1.99
C ILE A 114 -1.43 -7.80 -3.10
N HIS A 115 -1.60 -6.51 -2.81
CA HIS A 115 -1.76 -5.49 -3.85
C HIS A 115 -0.76 -5.50 -5.02
N ASP A 116 0.46 -6.01 -4.81
CA ASP A 116 1.48 -6.10 -5.87
C ASP A 116 1.99 -7.53 -6.11
N VAL A 117 1.16 -8.54 -5.86
CA VAL A 117 1.60 -9.94 -6.04
C VAL A 117 1.87 -10.26 -7.52
N ASP A 118 3.03 -10.88 -7.77
CA ASP A 118 3.51 -11.21 -9.13
C ASP A 118 3.72 -9.98 -10.03
N HIS A 119 4.28 -8.92 -9.44
CA HIS A 119 4.69 -7.70 -10.17
C HIS A 119 5.98 -8.07 -10.93
N PRO A 120 6.05 -7.76 -12.26
CA PRO A 120 7.23 -8.13 -13.06
C PRO A 120 8.34 -7.06 -13.11
N GLY A 121 8.36 -6.14 -12.15
CA GLY A 121 9.28 -4.99 -12.17
C GLY A 121 9.10 -4.03 -13.34
N ARG A 122 7.88 -3.97 -13.88
CA ARG A 122 7.58 -3.18 -15.09
C ARG A 122 6.22 -2.48 -14.96
N THR A 123 6.06 -1.32 -15.60
CA THR A 123 4.79 -0.58 -15.55
C THR A 123 3.75 -1.17 -16.51
N ASN A 124 2.49 -0.77 -16.33
CA ASN A 124 1.41 -1.18 -17.24
C ASN A 124 1.70 -0.76 -18.68
N SER A 125 2.18 0.48 -18.84
CA SER A 125 2.52 1.05 -20.15
C SER A 125 3.60 0.28 -20.91
N PHE A 126 4.51 -0.37 -20.17
CA PHE A 126 5.50 -1.28 -20.76
C PHE A 126 4.80 -2.50 -21.35
N LEU A 127 3.94 -3.09 -20.54
CA LEU A 127 3.20 -4.32 -20.91
C LEU A 127 2.28 -4.09 -22.11
N CYS A 128 1.60 -2.95 -22.14
CA CYS A 128 0.73 -2.56 -23.25
C CYS A 128 1.50 -2.32 -24.54
N ASN A 129 2.59 -1.54 -24.46
CA ASN A 129 3.49 -1.32 -25.59
C ASN A 129 4.15 -2.61 -26.09
N ALA A 130 4.61 -3.44 -25.15
CA ALA A 130 5.25 -4.73 -25.48
C ALA A 130 4.27 -5.79 -25.98
N GLY A 131 3.00 -5.67 -25.61
CA GLY A 131 1.99 -6.68 -25.94
C GLY A 131 2.18 -7.93 -25.10
N SER A 132 2.30 -7.73 -23.79
CA SER A 132 2.49 -8.82 -22.83
C SER A 132 1.23 -9.66 -22.70
N GLU A 133 1.39 -10.88 -22.16
CA GLU A 133 0.28 -11.81 -21.94
C GLU A 133 -0.83 -11.20 -21.09
N LEU A 134 -0.45 -10.45 -20.06
CA LEU A 134 -1.40 -9.78 -19.17
C LEU A 134 -2.08 -8.58 -19.82
N ALA A 135 -1.34 -7.84 -20.65
CA ALA A 135 -1.91 -6.70 -21.40
C ALA A 135 -2.96 -7.13 -22.41
N ILE A 136 -2.73 -8.27 -23.07
CA ILE A 136 -3.72 -8.88 -23.96
C ILE A 136 -4.89 -9.48 -23.14
N LEU A 137 -4.55 -10.08 -21.99
CA LEU A 137 -5.54 -10.68 -21.09
C LEU A 137 -6.50 -9.66 -20.47
N TYR A 138 -5.97 -8.52 -20.00
CA TYR A 138 -6.76 -7.48 -19.34
C TYR A 138 -7.08 -6.27 -20.24
N ASN A 139 -6.79 -6.40 -21.54
CA ASN A 139 -7.18 -5.41 -22.56
C ASN A 139 -6.60 -4.00 -22.32
N ASP A 140 -5.32 -3.96 -21.90
CA ASP A 140 -4.58 -2.72 -21.64
C ASP A 140 -5.20 -1.82 -20.56
N THR A 141 -5.97 -2.41 -19.64
CA THR A 141 -6.79 -1.67 -18.69
C THR A 141 -6.49 -2.19 -17.27
N ALA A 142 -5.77 -1.39 -16.49
CA ALA A 142 -5.40 -1.74 -15.11
C ALA A 142 -4.74 -3.12 -15.08
N VAL A 143 -3.78 -3.31 -15.98
CA VAL A 143 -3.28 -4.63 -16.36
C VAL A 143 -2.70 -5.40 -15.18
N LEU A 144 -1.85 -4.74 -14.41
CA LEU A 144 -1.21 -5.37 -13.25
C LEU A 144 -2.12 -5.39 -12.03
N GLU A 145 -2.88 -4.31 -11.84
CA GLU A 145 -3.79 -4.21 -10.68
C GLU A 145 -4.86 -5.30 -10.73
N SER A 146 -5.41 -5.54 -11.92
CA SER A 146 -6.32 -6.66 -12.15
C SER A 146 -5.64 -8.00 -11.85
N HIS A 147 -4.42 -8.18 -12.37
CA HIS A 147 -3.66 -9.42 -12.16
C HIS A 147 -3.32 -9.69 -10.70
N HIS A 148 -2.88 -8.65 -9.98
CA HIS A 148 -2.55 -8.78 -8.55
C HIS A 148 -3.75 -9.34 -7.78
N ALA A 149 -4.90 -8.69 -7.94
CA ALA A 149 -6.13 -9.13 -7.29
C ALA A 149 -6.57 -10.52 -7.73
N ALA A 150 -6.59 -10.77 -9.04
CA ALA A 150 -7.05 -12.05 -9.61
C ALA A 150 -6.21 -13.22 -9.13
N LEU A 151 -4.89 -13.14 -9.32
CA LEU A 151 -3.96 -14.18 -8.88
C LEU A 151 -4.07 -14.45 -7.38
N ALA A 152 -4.24 -13.39 -6.59
CA ALA A 152 -4.37 -13.52 -5.14
C ALA A 152 -5.59 -14.36 -4.73
N PHE A 153 -6.70 -14.21 -5.44
CA PHE A 153 -7.89 -15.05 -5.23
C PHE A 153 -7.76 -16.43 -5.88
N GLN A 154 -7.03 -16.53 -6.99
CA GLN A 154 -6.70 -17.84 -7.59
C GLN A 154 -5.86 -18.71 -6.67
N LEU A 155 -4.85 -18.12 -6.03
CA LEU A 155 -3.98 -18.85 -5.09
C LEU A 155 -4.65 -19.16 -3.75
N THR A 156 -5.51 -18.26 -3.28
CA THR A 156 -6.22 -18.43 -2.00
C THR A 156 -7.26 -19.55 -2.08
N THR A 157 -8.24 -19.39 -2.97
CA THR A 157 -9.34 -20.34 -3.10
C THR A 157 -9.02 -21.59 -3.93
N GLY A 158 -7.92 -21.56 -4.69
CA GLY A 158 -7.51 -22.70 -5.51
C GLY A 158 -6.93 -23.88 -4.74
N ASP A 159 -6.51 -23.62 -3.50
CA ASP A 159 -6.02 -24.66 -2.59
C ASP A 159 -6.81 -24.57 -1.28
N ASP A 160 -7.09 -25.73 -0.68
CA ASP A 160 -7.89 -25.80 0.55
C ASP A 160 -7.10 -25.34 1.77
N LYS A 161 -5.82 -25.72 1.83
CA LYS A 161 -4.94 -25.30 2.92
C LYS A 161 -4.56 -23.81 2.89
N CYS A 162 -4.65 -23.17 1.73
CA CYS A 162 -4.39 -21.73 1.58
C CYS A 162 -5.63 -20.84 1.74
N ASN A 163 -6.83 -21.44 1.67
CA ASN A 163 -8.09 -20.67 1.71
C ASN A 163 -8.41 -20.14 3.11
N ILE A 164 -8.02 -18.89 3.34
CA ILE A 164 -8.38 -18.17 4.58
C ILE A 164 -9.85 -17.71 4.63
N PHE A 165 -10.56 -17.77 3.50
CA PHE A 165 -11.98 -17.38 3.42
C PHE A 165 -12.98 -18.55 3.51
N LYS A 166 -12.48 -19.78 3.61
CA LYS A 166 -13.30 -21.01 3.49
C LYS A 166 -14.42 -21.16 4.54
N ASN A 167 -14.20 -20.64 5.74
CA ASN A 167 -15.15 -20.74 6.85
C ASN A 167 -15.99 -19.46 7.10
N MET A 168 -16.16 -18.65 6.05
CA MET A 168 -16.95 -17.42 6.14
C MET A 168 -18.40 -17.65 5.73
N GLU A 169 -19.26 -16.70 6.09
CA GLU A 169 -20.62 -16.63 5.57
C GLU A 169 -20.55 -16.22 4.10
N ARG A 170 -21.49 -16.70 3.29
CA ARG A 170 -21.55 -16.36 1.86
C ARG A 170 -21.61 -14.84 1.62
N ASN A 171 -22.41 -14.13 2.42
CA ASN A 171 -22.60 -12.68 2.26
C ASN A 171 -21.43 -11.86 2.82
N ASP A 172 -20.82 -12.34 3.90
CA ASP A 172 -19.61 -11.71 4.46
C ASP A 172 -18.42 -11.79 3.51
N TYR A 173 -18.23 -12.96 2.89
CA TYR A 173 -17.15 -13.16 1.93
C TYR A 173 -17.33 -12.31 0.68
N ARG A 174 -18.55 -12.27 0.14
CA ARG A 174 -18.87 -11.45 -1.03
C ARG A 174 -18.64 -9.94 -0.79
N THR A 175 -18.93 -9.48 0.42
CA THR A 175 -18.67 -8.09 0.81
C THR A 175 -17.17 -7.85 0.95
N LEU A 176 -16.48 -8.78 1.62
CA LEU A 176 -15.03 -8.69 1.83
C LEU A 176 -14.25 -8.77 0.52
N ARG A 177 -14.65 -9.69 -0.35
CA ARG A 177 -14.05 -9.83 -1.69
C ARG A 177 -14.12 -8.53 -2.48
N GLN A 178 -15.30 -7.91 -2.50
CA GLN A 178 -15.53 -6.63 -3.18
C GLN A 178 -14.63 -5.51 -2.63
N GLY A 179 -14.51 -5.43 -1.31
CA GLY A 179 -13.67 -4.44 -0.64
C GLY A 179 -12.17 -4.58 -0.89
N ILE A 180 -11.68 -5.82 -0.98
CA ILE A 180 -10.28 -6.10 -1.30
C ILE A 180 -9.97 -5.70 -2.74
N ILE A 181 -10.82 -6.15 -3.66
CA ILE A 181 -10.68 -5.84 -5.09
C ILE A 181 -10.63 -4.32 -5.34
N ASP A 182 -11.57 -3.61 -4.73
CA ASP A 182 -11.66 -2.16 -4.89
C ASP A 182 -10.37 -1.47 -4.46
N MET A 183 -9.86 -1.83 -3.28
CA MET A 183 -8.62 -1.24 -2.76
C MET A 183 -7.38 -1.59 -3.59
N VAL A 184 -7.30 -2.82 -4.09
CA VAL A 184 -6.21 -3.24 -4.98
C VAL A 184 -6.29 -2.51 -6.33
N LEU A 185 -7.50 -2.40 -6.89
CA LEU A 185 -7.72 -1.65 -8.13
C LEU A 185 -7.51 -0.14 -7.96
N ALA A 186 -7.77 0.36 -6.76
CA ALA A 186 -7.57 1.79 -6.44
C ALA A 186 -6.12 2.27 -6.41
N THR A 187 -5.17 1.34 -6.41
CA THR A 187 -3.74 1.68 -6.48
C THR A 187 -3.23 2.03 -7.90
N GLU A 188 -4.05 1.84 -8.93
CA GLU A 188 -3.65 2.18 -10.30
C GLU A 188 -3.33 3.67 -10.43
N MET A 189 -2.14 3.97 -10.94
CA MET A 189 -1.62 5.33 -11.02
C MET A 189 -2.53 6.30 -11.81
N THR A 190 -3.17 5.79 -12.87
CA THR A 190 -4.01 6.61 -13.75
C THR A 190 -5.25 7.24 -13.07
N LYS A 191 -5.72 6.64 -11.97
CA LYS A 191 -6.89 7.15 -11.23
C LYS A 191 -6.55 8.02 -10.00
N HIS A 192 -5.29 8.45 -9.85
CA HIS A 192 -4.82 9.20 -8.67
C HIS A 192 -5.69 10.42 -8.36
N PHE A 193 -5.76 11.35 -9.31
CA PHE A 193 -6.47 12.62 -9.10
C PHE A 193 -7.97 12.45 -8.98
N GLU A 194 -8.52 11.42 -9.63
CA GLU A 194 -9.93 11.03 -9.43
C GLU A 194 -10.19 10.63 -7.96
N HIS A 195 -9.28 9.83 -7.37
CA HIS A 195 -9.42 9.37 -5.98
C HIS A 195 -9.06 10.39 -4.90
N VAL A 196 -8.11 11.29 -5.18
CA VAL A 196 -7.77 12.36 -4.24
C VAL A 196 -8.90 13.39 -4.18
N ASN A 197 -9.41 13.81 -5.34
CA ASN A 197 -10.46 14.82 -5.40
C ASN A 197 -11.80 14.36 -4.79
N LYS A 198 -12.16 13.10 -5.01
CA LYS A 198 -13.31 12.50 -4.35
C LYS A 198 -13.18 12.51 -2.82
N PHE A 199 -11.97 12.28 -2.31
CA PHE A 199 -11.69 12.34 -0.87
C PHE A 199 -11.84 13.75 -0.30
N VAL A 200 -11.30 14.73 -1.02
CA VAL A 200 -11.38 16.14 -0.60
C VAL A 200 -12.83 16.62 -0.61
N ASN A 201 -13.52 16.40 -1.72
CA ASN A 201 -14.90 16.88 -1.92
C ASN A 201 -15.96 16.19 -1.05
N SER A 202 -15.79 14.89 -0.79
CA SER A 202 -16.78 14.12 -0.04
C SER A 202 -16.49 14.01 1.46
N ILE A 203 -15.23 14.20 1.88
CA ILE A 203 -14.86 14.00 3.30
C ILE A 203 -14.31 15.29 3.94
N ASN A 204 -13.19 15.80 3.45
CA ASN A 204 -12.52 16.96 4.07
C ASN A 204 -13.31 18.27 4.03
N LYS A 205 -13.90 18.58 2.87
CA LYS A 205 -14.69 19.83 2.72
C LYS A 205 -16.01 19.81 3.51
N PRO A 206 -16.81 18.72 3.40
CA PRO A 206 -17.99 18.57 4.26
C PRO A 206 -17.70 18.52 5.76
N LEU A 207 -16.61 17.88 6.16
CA LEU A 207 -16.18 17.83 7.57
C LEU A 207 -15.68 19.17 8.09
N ALA A 208 -15.04 19.95 7.23
CA ALA A 208 -14.61 21.31 7.55
C ALA A 208 -15.80 22.29 7.64
N THR A 209 -16.85 22.03 6.85
CA THR A 209 -18.09 22.81 6.93
C THR A 209 -18.78 22.60 8.28
N LEU A 210 -18.90 21.33 8.70
CA LEU A 210 -19.50 20.99 9.99
C LEU A 210 -18.66 21.37 11.21
N GLU A 211 -17.36 21.62 11.01
CA GLU A 211 -16.48 22.10 12.08
C GLU A 211 -16.82 23.52 12.58
N GLU A 212 -17.43 24.34 11.71
CA GLU A 212 -17.84 25.71 12.08
C GLU A 212 -18.95 25.75 13.15
N ASN A 213 -19.79 24.71 13.17
CA ASN A 213 -20.92 24.63 14.12
C ASN A 213 -20.52 24.50 15.60
N GLY A 214 -19.29 24.05 15.86
CA GLY A 214 -18.78 23.92 17.23
C GLY A 214 -18.95 22.50 17.74
N GLU A 215 -18.18 22.16 18.77
CA GLU A 215 -18.15 20.80 19.32
C GLU A 215 -19.42 20.52 20.13
N THR A 216 -20.40 19.88 19.48
CA THR A 216 -21.69 19.55 20.08
C THR A 216 -21.98 18.06 19.88
N ASP A 217 -22.74 17.48 20.82
CA ASP A 217 -23.06 16.03 20.80
C ASP A 217 -23.96 15.65 19.62
N LYS A 218 -24.92 16.52 19.30
CA LYS A 218 -25.75 16.36 18.10
C LYS A 218 -24.93 16.55 16.82
N ASN A 219 -23.99 17.49 16.85
CA ASN A 219 -23.09 17.76 15.72
C ASN A 219 -22.08 16.63 15.44
N GLN A 220 -21.60 15.98 16.49
CA GLN A 220 -20.72 14.80 16.35
C GLN A 220 -21.44 13.61 15.73
N GLU A 221 -22.72 13.42 16.07
CA GLU A 221 -23.53 12.33 15.54
C GLU A 221 -23.86 12.54 14.05
N VAL A 222 -24.02 13.80 13.63
CA VAL A 222 -24.21 14.14 12.20
C VAL A 222 -22.91 13.90 11.42
N ILE A 223 -21.77 14.26 12.01
CA ILE A 223 -20.45 13.95 11.44
C ILE A 223 -20.23 12.44 11.37
N ASN A 224 -20.61 11.72 12.43
CA ASN A 224 -20.49 10.26 12.49
C ASN A 224 -21.36 9.55 11.45
N THR A 225 -22.60 10.02 11.28
CA THR A 225 -23.54 9.41 10.33
C THR A 225 -23.10 9.63 8.88
N MET A 226 -22.61 10.84 8.58
CA MET A 226 -22.17 11.20 7.23
C MET A 226 -20.92 10.40 6.80
N LEU A 227 -19.92 10.34 7.67
CA LEU A 227 -18.65 9.65 7.36
C LEU A 227 -18.81 8.13 7.25
N ARG A 228 -19.61 7.54 8.13
CA ARG A 228 -19.74 6.07 8.22
C ARG A 228 -20.68 5.42 7.18
N THR A 229 -21.12 6.18 6.17
CA THR A 229 -21.89 5.60 5.05
C THR A 229 -21.00 4.68 4.21
N PRO A 230 -21.60 3.67 3.53
CA PRO A 230 -20.81 2.74 2.70
C PRO A 230 -19.93 3.41 1.64
N GLU A 231 -20.40 4.53 1.07
CA GLU A 231 -19.68 5.23 0.00
C GLU A 231 -18.43 5.92 0.55
N ASN A 232 -18.61 6.71 1.61
CA ASN A 232 -17.49 7.44 2.23
C ASN A 232 -16.45 6.53 2.87
N ARG A 233 -16.86 5.38 3.40
CA ARG A 233 -15.92 4.36 3.88
C ARG A 233 -15.09 3.80 2.71
N THR A 234 -15.74 3.57 1.58
CA THR A 234 -15.05 3.20 0.33
C THR A 234 -14.04 4.26 -0.11
N LEU A 235 -14.41 5.54 0.01
CA LEU A 235 -13.51 6.65 -0.29
C LEU A 235 -12.35 6.79 0.70
N ILE A 236 -12.59 6.48 1.97
CA ILE A 236 -11.54 6.47 3.00
C ILE A 236 -10.59 5.28 2.78
N LYS A 237 -11.15 4.10 2.49
CA LYS A 237 -10.35 2.90 2.19
C LYS A 237 -9.43 3.12 1.00
N ARG A 238 -9.96 3.71 -0.07
CA ARG A 238 -9.16 4.03 -1.26
C ARG A 238 -8.02 5.00 -0.95
N MET A 239 -8.31 6.04 -0.17
CA MET A 239 -7.29 6.99 0.24
C MET A 239 -6.22 6.32 1.11
N LEU A 240 -6.66 5.47 2.04
CA LEU A 240 -5.76 4.77 2.97
C LEU A 240 -4.78 3.81 2.27
N ILE A 241 -5.28 3.01 1.34
CA ILE A 241 -4.43 2.11 0.54
C ILE A 241 -3.48 2.91 -0.36
N LYS A 242 -3.96 4.04 -0.89
CA LYS A 242 -3.16 4.89 -1.76
C LYS A 242 -2.00 5.56 -1.03
N CYS A 243 -2.28 6.08 0.16
CA CYS A 243 -1.25 6.71 0.98
C CYS A 243 -0.23 5.70 1.51
N ALA A 244 -0.70 4.54 1.98
CA ALA A 244 0.20 3.46 2.43
C ALA A 244 1.10 2.95 1.30
N ASP A 245 0.54 2.80 0.10
CA ASP A 245 1.32 2.33 -1.04
C ASP A 245 2.55 3.19 -1.32
N VAL A 246 2.41 4.52 -1.24
CA VAL A 246 3.50 5.46 -1.51
C VAL A 246 3.89 6.29 -0.27
N SER A 247 3.98 5.61 0.88
CA SER A 247 4.35 6.26 2.14
C SER A 247 5.86 6.39 2.34
N ASN A 248 6.66 5.86 1.42
CA ASN A 248 8.13 5.90 1.55
C ASN A 248 8.76 7.31 1.70
N PRO A 249 8.25 8.32 0.97
CA PRO A 249 8.80 9.67 1.21
C PRO A 249 8.45 10.27 2.58
N CYS A 250 7.48 9.70 3.30
CA CYS A 250 7.16 10.09 4.68
C CYS A 250 7.84 9.25 5.77
N ARG A 251 8.84 8.45 5.40
CA ARG A 251 9.59 7.61 6.36
C ARG A 251 10.82 8.34 6.90
N PRO A 252 11.44 7.81 7.98
CA PRO A 252 12.77 8.22 8.40
C PRO A 252 13.75 8.25 7.22
N LEU A 253 14.53 9.33 7.12
CA LEU A 253 15.39 9.62 5.95
C LEU A 253 16.18 8.43 5.38
N GLN A 254 16.71 7.58 6.25
CA GLN A 254 17.51 6.41 5.85
C GLN A 254 16.66 5.48 4.98
N TYR A 255 15.43 5.24 5.41
CA TYR A 255 14.49 4.37 4.69
C TYR A 255 13.95 5.05 3.41
N CYS A 256 13.64 6.34 3.52
CA CYS A 256 13.28 7.18 2.38
C CYS A 256 14.27 7.07 1.22
N ILE A 257 15.57 7.17 1.54
CA ILE A 257 16.63 7.10 0.52
C ILE A 257 16.70 5.72 -0.12
N GLU A 258 16.69 4.69 0.72
CA GLU A 258 16.73 3.30 0.24
C GLU A 258 15.57 2.99 -0.72
N TRP A 259 14.36 3.45 -0.39
CA TRP A 259 13.19 3.26 -1.26
C TRP A 259 13.31 3.98 -2.60
N ALA A 260 13.87 5.19 -2.58
CA ALA A 260 14.12 5.97 -3.81
C ALA A 260 15.12 5.28 -4.74
N ALA A 261 16.15 4.66 -4.16
CA ALA A 261 17.15 3.93 -4.93
C ALA A 261 16.54 2.69 -5.61
N ARG A 262 15.74 1.93 -4.86
CA ARG A 262 15.12 0.71 -5.38
C ARG A 262 14.14 0.97 -6.52
N ILE A 263 13.20 1.90 -6.31
CA ILE A 263 12.24 2.27 -7.36
C ILE A 263 12.92 2.90 -8.59
N SER A 264 13.95 3.73 -8.37
CA SER A 264 14.70 4.33 -9.48
C SER A 264 15.41 3.26 -10.33
N GLU A 265 16.19 2.40 -9.67
CA GLU A 265 16.87 1.26 -10.32
C GLU A 265 15.91 0.39 -11.15
N GLU A 266 14.69 0.18 -10.65
CA GLU A 266 13.67 -0.61 -11.33
C GLU A 266 13.17 0.10 -12.60
N TYR A 267 13.07 1.43 -12.55
CA TYR A 267 12.75 2.23 -13.74
C TYR A 267 13.92 2.39 -14.72
N PHE A 268 15.15 2.39 -14.20
CA PHE A 268 16.36 2.39 -15.06
C PHE A 268 16.46 1.10 -15.87
N SER A 269 16.11 -0.01 -15.24
CA SER A 269 16.10 -1.32 -15.91
C SER A 269 15.10 -1.38 -17.06
N GLN A 270 13.87 -0.91 -16.81
CA GLN A 270 12.83 -0.87 -17.82
C GLN A 270 13.24 -0.02 -19.03
N THR A 271 13.83 1.14 -18.75
CA THR A 271 14.28 2.08 -19.78
C THR A 271 15.43 1.48 -20.62
N ASP A 272 16.32 0.73 -19.99
CA ASP A 272 17.36 -0.04 -20.71
C ASP A 272 16.74 -1.10 -21.63
N GLU A 273 15.71 -1.80 -21.14
CA GLU A 273 15.02 -2.83 -21.92
C GLU A 273 14.21 -2.23 -23.08
N GLU A 274 13.60 -1.05 -22.85
CA GLU A 274 12.88 -0.32 -23.91
C GLU A 274 13.80 0.16 -25.04
N LYS A 275 14.99 0.63 -24.68
CA LYS A 275 15.99 1.07 -25.67
C LYS A 275 16.55 -0.09 -26.49
N GLN A 276 16.90 -1.18 -25.82
CA GLN A 276 17.45 -2.38 -26.47
C GLN A 276 16.46 -2.97 -27.49
N GLN A 277 15.22 -3.18 -27.06
CA GLN A 277 14.16 -3.72 -27.92
C GLN A 277 13.64 -2.73 -28.96
N GLY A 278 13.76 -1.43 -28.68
CA GLY A 278 13.23 -0.38 -29.55
C GLY A 278 11.79 0.01 -29.24
N LEU A 279 11.34 -0.25 -28.01
CA LEU A 279 10.01 0.15 -27.55
C LEU A 279 9.95 1.66 -27.33
N PRO A 280 8.74 2.26 -27.40
CA PRO A 280 8.63 3.70 -27.13
C PRO A 280 8.89 4.00 -25.66
N VAL A 281 9.76 4.95 -25.38
CA VAL A 281 10.21 5.23 -24.01
C VAL A 281 9.13 5.99 -23.25
N VAL A 282 8.50 5.32 -22.27
CA VAL A 282 7.42 5.91 -21.47
C VAL A 282 7.93 6.83 -20.36
N MET A 283 9.03 6.44 -19.72
CA MET A 283 9.69 7.26 -18.69
C MET A 283 11.08 7.65 -19.21
N PRO A 284 11.16 8.70 -20.06
CA PRO A 284 12.47 9.13 -20.57
C PRO A 284 13.40 9.68 -19.50
N VAL A 285 12.87 10.44 -18.54
CA VAL A 285 13.68 11.01 -17.46
C VAL A 285 14.35 9.97 -16.57
N PHE A 286 13.74 8.77 -16.42
CA PHE A 286 14.30 7.69 -15.60
C PHE A 286 15.21 6.76 -16.40
N ASP A 287 16.37 7.29 -16.78
CA ASP A 287 17.45 6.54 -17.42
C ASP A 287 18.67 6.69 -16.52
N ARG A 288 19.40 5.60 -16.33
CA ARG A 288 20.61 5.60 -15.49
C ARG A 288 21.73 6.53 -16.00
N ASN A 289 21.72 6.83 -17.31
CA ASN A 289 22.71 7.72 -17.92
C ASN A 289 22.37 9.22 -17.89
N THR A 290 21.18 9.59 -17.42
CA THR A 290 20.77 11.01 -17.34
C THR A 290 20.09 11.49 -16.04
N CYS A 291 19.54 10.57 -15.24
CA CYS A 291 18.59 10.94 -14.19
C CYS A 291 19.27 11.43 -12.92
N SER A 292 18.84 12.59 -12.43
CA SER A 292 19.15 13.03 -11.08
C SER A 292 18.09 12.44 -10.18
N ILE A 293 18.50 11.52 -9.29
CA ILE A 293 17.56 10.90 -8.35
C ILE A 293 17.00 11.91 -7.33
N PRO A 294 17.86 12.82 -6.81
CA PRO A 294 17.32 13.86 -5.89
C PRO A 294 16.28 14.80 -6.53
N LYS A 295 16.51 15.22 -7.76
CA LYS A 295 15.54 16.07 -8.47
C LYS A 295 14.26 15.31 -8.83
N SER A 296 14.40 14.06 -9.26
CA SER A 296 13.27 13.20 -9.62
C SER A 296 12.36 12.87 -8.42
N GLN A 297 12.94 12.75 -7.23
CA GLN A 297 12.17 12.60 -5.99
C GLN A 297 11.40 13.86 -5.60
N ILE A 298 12.06 15.01 -5.73
CA ILE A 298 11.41 16.31 -5.48
C ILE A 298 10.20 16.48 -6.40
N SER A 299 10.38 16.16 -7.68
CA SER A 299 9.28 16.22 -8.67
C SER A 299 8.17 15.22 -8.34
N PHE A 300 8.56 14.01 -7.97
CA PHE A 300 7.62 12.97 -7.54
C PHE A 300 6.78 13.44 -6.34
N ILE A 301 7.44 14.03 -5.34
CA ILE A 301 6.77 14.56 -4.14
C ILE A 301 5.81 15.70 -4.46
N ASP A 302 6.21 16.60 -5.36
CA ASP A 302 5.36 17.73 -5.76
C ASP A 302 4.07 17.28 -6.47
N TYR A 303 4.20 16.34 -7.40
CA TYR A 303 3.09 15.98 -8.29
C TYR A 303 2.03 15.09 -7.62
N PHE A 304 2.48 14.11 -6.83
CA PHE A 304 1.59 13.11 -6.20
C PHE A 304 1.45 13.23 -4.67
N ILE A 305 2.57 13.40 -3.97
CA ILE A 305 2.64 13.15 -2.53
C ILE A 305 2.10 14.31 -1.70
N THR A 306 2.49 15.54 -2.05
CA THR A 306 2.19 16.73 -1.24
C THR A 306 0.70 16.95 -1.00
N ASP A 307 -0.09 17.05 -2.07
CA ASP A 307 -1.53 17.26 -1.95
C ASP A 307 -2.29 16.06 -1.36
N MET A 308 -1.84 14.84 -1.67
CA MET A 308 -2.49 13.62 -1.20
C MET A 308 -2.33 13.47 0.31
N PHE A 309 -1.09 13.56 0.78
CA PHE A 309 -0.79 13.41 2.20
C PHE A 309 -1.28 14.60 3.03
N ASP A 310 -1.27 15.81 2.44
CA ASP A 310 -1.91 16.97 3.07
C ASP A 310 -3.38 16.72 3.40
N ALA A 311 -4.11 16.14 2.46
CA ALA A 311 -5.54 15.80 2.64
C ALA A 311 -5.73 14.69 3.69
N TRP A 312 -4.90 13.65 3.59
CA TRP A 312 -4.95 12.51 4.52
C TRP A 312 -4.60 12.94 5.94
N ASP A 313 -3.51 13.70 6.06
CA ASP A 313 -3.09 14.33 7.32
C ASP A 313 -4.18 15.20 7.95
N ALA A 314 -4.85 16.02 7.14
CA ALA A 314 -5.93 16.88 7.63
C ALA A 314 -7.11 16.09 8.20
N PHE A 315 -7.31 14.88 7.68
CA PHE A 315 -8.34 13.97 8.17
C PHE A 315 -7.88 13.20 9.42
N VAL A 316 -6.70 12.59 9.34
CA VAL A 316 -6.21 11.66 10.38
C VAL A 316 -5.28 12.30 11.43
N ASP A 317 -4.61 13.40 11.06
CA ASP A 317 -3.55 14.02 11.87
C ASP A 317 -2.32 13.11 11.98
N LEU A 318 -1.40 13.28 11.04
CA LEU A 318 -0.19 12.46 10.95
C LEU A 318 1.05 13.35 11.00
N PRO A 319 1.31 13.97 12.17
CA PRO A 319 2.42 14.94 12.28
C PRO A 319 3.80 14.35 12.02
N ASP A 320 4.02 13.09 12.41
CA ASP A 320 5.31 12.43 12.22
C ASP A 320 5.60 12.15 10.74
N LEU A 321 4.57 11.73 10.00
CA LEU A 321 4.68 11.54 8.54
C LEU A 321 5.00 12.85 7.81
N MET A 322 4.29 13.92 8.18
CA MET A 322 4.49 15.22 7.54
C MET A 322 5.79 15.89 7.98
N GLN A 323 6.25 15.59 9.20
CA GLN A 323 7.55 16.06 9.67
C GLN A 323 8.69 15.35 8.92
N HIS A 324 8.59 14.03 8.77
CA HIS A 324 9.53 13.28 7.92
C HIS A 324 9.45 13.76 6.46
N LEU A 325 8.24 14.01 5.97
CA LEU A 325 8.05 14.54 4.61
C LEU A 325 8.80 15.87 4.37
N ASP A 326 8.81 16.75 5.37
CA ASP A 326 9.54 18.03 5.27
C ASP A 326 11.07 17.84 5.31
N ASN A 327 11.53 17.00 6.24
CA ASN A 327 12.96 16.72 6.40
C ASN A 327 13.57 16.03 5.17
N ASN A 328 12.84 15.07 4.61
CA ASN A 328 13.27 14.35 3.41
C ASN A 328 13.27 15.23 2.16
N PHE A 329 12.24 16.07 2.01
CA PHE A 329 12.18 17.04 0.92
C PHE A 329 13.35 18.03 1.00
N LYS A 330 13.64 18.51 2.21
CA LYS A 330 14.80 19.38 2.44
C LYS A 330 16.14 18.69 2.20
N TYR A 331 16.23 17.39 2.52
CA TYR A 331 17.45 16.62 2.22
C TYR A 331 17.71 16.50 0.72
N TRP A 332 16.67 16.20 -0.06
CA TRP A 332 16.81 16.10 -1.53
C TRP A 332 17.26 17.43 -2.15
N LYS A 333 16.79 18.55 -1.60
CA LYS A 333 17.23 19.90 -2.02
C LYS A 333 18.71 20.16 -1.66
N GLY A 334 19.12 19.72 -0.47
CA GLY A 334 20.49 19.89 0.00
C GLY A 334 21.60 19.24 -0.82
N LEU A 335 21.25 18.20 -1.59
CA LEU A 335 22.23 17.48 -2.42
C LEU A 335 22.62 18.17 -3.75
N ASP A 336 22.01 19.31 -4.08
CA ASP A 336 22.36 20.05 -5.30
C ASP A 336 23.80 20.60 -5.20
N GLU A 337 24.02 21.56 -4.29
CA GLU A 337 25.37 22.04 -3.91
C GLU A 337 26.20 22.80 -4.99
N MET A 338 25.61 23.13 -6.13
CA MET A 338 26.33 23.77 -7.24
C MET A 338 25.39 24.28 -8.32
#